data_1BFW
#
_entry.id   1BFW
#
_cell.length_a   1.000
_cell.length_b   1.000
_cell.length_c   1.000
_cell.angle_alpha   90.00
_cell.angle_beta   90.00
_cell.angle_gamma   90.00
#
_symmetry.space_group_name_H-M   'P 1'
#
_entity_poly.entity_id   1
_entity_poly.type   'polypeptide(L)'
_entity_poly.pdbx_seq_one_letter_code
;(LML)(DGN)(DAR)(DAL)(DVA)(DAR)(DPR)(DAL)(DLE)(DSN)G(DPN)(DAS)G(DAR)(DVA)G(DSN)G
(NH2)
;
_entity_poly.pdbx_strand_id   A
#
# COMPACT_ATOMS: atom_id res chain seq x y z
N GLY A 11 -4.55 3.18 7.24
CA GLY A 11 -4.16 4.55 7.01
C GLY A 11 -4.41 4.96 5.55
N GLY A 14 -2.14 4.83 -1.56
CA GLY A 14 -2.41 5.36 -2.89
C GLY A 14 -2.42 4.24 -3.93
N GLY A 17 1.38 1.53 -10.21
CA GLY A 17 1.15 0.81 -11.44
C GLY A 17 2.19 -0.31 -11.62
N GLY A 19 4.65 -1.23 -15.08
CA GLY A 19 5.30 -0.94 -16.35
C GLY A 19 4.36 -0.19 -17.29
N GLY A 11 -5.25 2.81 7.14
CA GLY A 11 -4.80 4.15 6.84
C GLY A 11 -3.72 4.14 5.76
N GLY A 14 3.07 1.83 3.75
CA GLY A 14 3.99 1.67 2.63
C GLY A 14 4.80 0.38 2.74
N GLY A 17 8.69 -1.64 8.20
CA GLY A 17 8.57 -2.72 9.16
C GLY A 17 8.48 -2.17 10.59
N GLY A 19 8.90 -3.78 14.93
CA GLY A 19 9.20 -4.86 15.87
C GLY A 19 8.26 -4.82 17.08
N GLY A 11 -4.79 0.34 7.06
CA GLY A 11 -4.30 1.34 6.12
C GLY A 11 -4.11 0.74 4.72
N GLY A 14 0.07 -3.18 0.05
CA GLY A 14 0.36 -3.36 -1.36
C GLY A 14 0.68 -4.83 -1.66
N GLY A 17 5.57 -9.94 0.06
CA GLY A 17 5.70 -11.36 0.30
C GLY A 17 4.74 -11.82 1.40
N GLY A 19 0.51 -13.83 1.84
CA GLY A 19 -0.69 -14.41 1.25
C GLY A 19 -1.95 -13.81 1.87
N GLY A 11 -4.33 2.05 7.77
CA GLY A 11 -3.73 3.32 7.37
C GLY A 11 -2.56 3.11 6.43
N GLY A 14 3.51 3.09 3.20
CA GLY A 14 4.65 2.56 2.48
C GLY A 14 5.75 3.61 2.32
N GLY A 17 9.26 8.42 -0.36
CA GLY A 17 10.47 9.19 -0.56
C GLY A 17 10.46 9.88 -1.92
N GLY A 19 11.56 9.00 -6.47
CA GLY A 19 12.10 8.11 -7.48
C GLY A 19 13.45 8.61 -7.99
N GLY A 11 -4.70 3.70 7.21
CA GLY A 11 -4.38 5.04 6.76
C GLY A 11 -4.76 5.23 5.29
N GLY A 14 -3.02 4.21 -1.91
CA GLY A 14 -3.36 4.63 -3.25
C GLY A 14 -4.15 3.54 -3.98
N GLY A 17 -11.78 1.48 -5.47
CA GLY A 17 -12.61 0.47 -6.10
C GLY A 17 -13.89 1.07 -6.68
N GLY A 19 -15.07 2.01 -10.86
CA GLY A 19 -14.96 1.90 -12.30
C GLY A 19 -13.75 2.68 -12.82
N GLY A 11 -5.18 2.16 6.48
CA GLY A 11 -4.88 3.31 5.64
C GLY A 11 -4.69 2.88 4.18
N GLY A 14 -7.51 0.04 -2.02
CA GLY A 14 -7.19 -0.40 -3.37
C GLY A 14 -5.68 -0.41 -3.60
N GLY A 17 -0.27 3.11 -8.19
CA GLY A 17 1.16 3.27 -8.38
C GLY A 17 1.82 3.84 -7.13
N GLY A 19 4.88 2.19 -4.34
CA GLY A 19 5.92 1.25 -3.96
C GLY A 19 5.45 0.34 -2.82
N GLY A 11 -4.59 2.21 9.61
CA GLY A 11 -4.00 3.48 10.05
C GLY A 11 -3.19 4.12 8.93
N GLY A 14 2.91 4.16 4.69
CA GLY A 14 3.60 4.86 3.62
C GLY A 14 2.94 4.59 2.27
N GLY A 17 3.73 -1.16 -1.19
CA GLY A 17 2.82 -2.26 -1.42
C GLY A 17 3.50 -3.61 -1.17
N GLY A 19 5.64 -7.11 -3.58
CA GLY A 19 6.08 -7.68 -4.83
C GLY A 19 6.17 -9.20 -4.74
N GLY A 11 -5.36 3.17 6.57
CA GLY A 11 -5.11 4.45 5.89
C GLY A 11 -4.09 4.28 4.77
N GLY A 14 3.06 3.14 2.84
CA GLY A 14 3.96 2.99 1.72
C GLY A 14 5.27 2.34 2.17
N GLY A 17 7.61 -4.26 5.40
CA GLY A 17 8.79 -4.90 5.98
C GLY A 17 8.41 -6.22 6.64
N GLY A 19 9.06 -8.12 10.82
CA GLY A 19 9.43 -8.03 12.22
C GLY A 19 10.95 -8.07 12.38
N GLY A 11 -4.45 2.16 7.79
CA GLY A 11 -3.82 3.45 7.62
C GLY A 11 -2.38 3.31 7.13
N GLY A 14 2.36 0.89 1.87
CA GLY A 14 3.76 0.71 1.55
C GLY A 14 3.97 0.64 0.03
N GLY A 17 1.86 -4.08 -5.86
CA GLY A 17 1.65 -4.08 -7.29
C GLY A 17 0.46 -4.98 -7.67
N GLY A 19 -0.95 -7.40 -11.35
CA GLY A 19 -0.73 -7.94 -12.68
C GLY A 19 -1.82 -7.45 -13.65
N GLY A 11 -5.40 2.96 7.31
CA GLY A 11 -5.08 4.24 6.70
C GLY A 11 -5.74 4.36 5.32
N GLY A 14 -5.97 1.94 -1.78
CA GLY A 14 -6.70 2.03 -3.03
C GLY A 14 -6.34 0.87 -3.96
N GLY A 17 -8.99 -6.43 -5.82
CA GLY A 17 -8.73 -7.57 -6.69
C GLY A 17 -9.41 -7.38 -8.05
N GLY A 19 -8.04 -6.68 -12.37
CA GLY A 19 -7.00 -6.61 -13.39
C GLY A 19 -7.27 -5.47 -14.36
#